data_9F4K
#
_entry.id   9F4K
#
_cell.length_a   38.290
_cell.length_b   44.050
_cell.length_c   56.150
_cell.angle_alpha   90.000
_cell.angle_beta   93.990
_cell.angle_gamma   90.000
#
_symmetry.space_group_name_H-M   'P 1 21 1'
#
loop_
_entity.id
_entity.type
_entity.pdbx_description
1 polymer 'Heterogeneous nuclear ribonucleoprotein A1, N-terminally processed'
2 non-polymer ~{N}-(cyclobutylmethyl)-1,3-dimethyl-pyrazole-4-carboxamide
3 water water
#
_entity_poly.entity_id   1
_entity_poly.type   'polypeptide(L)'
_entity_poly.pdbx_seq_one_letter_code
;GPMGSKSESPKEPEQLRKLFIGGLSFETTDESLRSHFEQWGTLTDCVVMRDPNTKRSRGFGFVTYATVEEVDAAMNARPH
KVDGRVVEPKRAVSREDSQRPGAHLTVKKIFVGGIKEDTEEHHLRDYFEQYGKIEVIEIMTDRGSGKKRGFAFVTFDDHD
SVDKIVIQKYHTVNGHNCEVRKALSKQEMASASSSQRG
;
_entity_poly.pdbx_strand_id   A
#
loop_
_chem_comp.id
_chem_comp.type
_chem_comp.name
_chem_comp.formula
A1H9R non-polymer ~{N}-(cyclobutylmethyl)-1,3-dimethyl-pyrazole-4-carboxamide 'C11 H17 N3 O'
#
# COMPACT_ATOMS: atom_id res chain seq x y z
N PRO A 10 5.06 6.34 -21.57
CA PRO A 10 6.11 6.00 -20.60
C PRO A 10 5.64 5.01 -19.54
N LYS A 11 6.29 3.85 -19.45
CA LYS A 11 5.93 2.89 -18.42
C LYS A 11 6.16 3.48 -17.03
N GLU A 12 5.32 3.07 -16.08
CA GLU A 12 5.54 3.44 -14.69
C GLU A 12 6.85 2.84 -14.21
N PRO A 13 7.54 3.50 -13.28
CA PRO A 13 8.77 2.91 -12.73
C PRO A 13 8.55 1.48 -12.25
N GLU A 14 9.51 0.61 -12.56
CA GLU A 14 9.38 -0.79 -12.17
C GLU A 14 9.19 -0.97 -10.68
N GLN A 15 9.81 -0.12 -9.85
CA GLN A 15 9.70 -0.30 -8.41
C GLN A 15 8.25 -0.21 -7.95
N LEU A 16 7.43 0.58 -8.63
CA LEU A 16 6.04 0.75 -8.29
C LEU A 16 5.15 -0.32 -8.90
N ARG A 17 5.71 -1.23 -9.69
CA ARG A 17 4.95 -2.33 -10.26
C ARG A 17 5.28 -3.68 -9.63
N LYS A 18 6.12 -3.70 -8.61
CA LYS A 18 6.46 -4.93 -7.90
C LYS A 18 5.52 -5.18 -6.72
N LEU A 19 5.18 -6.44 -6.52
CA LEU A 19 4.57 -6.88 -5.28
C LEU A 19 5.52 -7.86 -4.63
N PHE A 20 5.85 -7.63 -3.37
N PHE A 20 5.94 -7.58 -3.41
CA PHE A 20 6.73 -8.48 -2.62
CA PHE A 20 6.73 -8.51 -2.63
C PHE A 20 5.85 -9.43 -1.80
C PHE A 20 5.77 -9.45 -1.90
N ILE A 21 6.02 -10.75 -2.01
CA ILE A 21 5.12 -11.76 -1.44
C ILE A 21 5.87 -12.49 -0.35
N GLY A 22 5.41 -12.36 0.89
CA GLY A 22 5.95 -13.10 2.00
C GLY A 22 5.01 -14.24 2.38
N GLY A 23 5.51 -15.12 3.25
CA GLY A 23 4.67 -16.19 3.74
C GLY A 23 4.39 -17.30 2.74
N LEU A 24 5.24 -17.46 1.73
CA LEU A 24 5.03 -18.49 0.73
C LEU A 24 5.13 -19.88 1.35
N SER A 25 4.39 -20.81 0.78
CA SER A 25 4.71 -22.21 0.99
C SER A 25 6.11 -22.49 0.43
N PHE A 26 6.88 -23.30 1.16
CA PHE A 26 8.18 -23.70 0.64
C PHE A 26 8.05 -24.50 -0.66
N GLU A 27 6.85 -24.98 -1.01
CA GLU A 27 6.69 -25.73 -2.25
C GLU A 27 6.40 -24.85 -3.45
N THR A 28 6.13 -23.57 -3.23
CA THR A 28 5.87 -22.63 -4.33
C THR A 28 7.12 -22.40 -5.16
N THR A 29 6.97 -22.43 -6.48
CA THR A 29 8.05 -22.22 -7.44
C THR A 29 7.82 -20.92 -8.21
N ASP A 30 8.84 -20.48 -8.96
CA ASP A 30 8.65 -19.39 -9.91
C ASP A 30 7.41 -19.63 -10.76
N GLU A 31 7.29 -20.87 -11.25
CA GLU A 31 6.18 -21.21 -12.15
C GLU A 31 4.83 -21.19 -11.45
N SER A 32 4.72 -21.77 -10.24
CA SER A 32 3.39 -21.79 -9.61
C SER A 32 3.01 -20.42 -9.07
N LEU A 33 4.00 -19.63 -8.62
CA LEU A 33 3.71 -18.24 -8.25
C LEU A 33 3.21 -17.44 -9.45
N ARG A 34 3.84 -17.64 -10.61
CA ARG A 34 3.42 -16.98 -11.84
C ARG A 34 2.01 -17.35 -12.24
N SER A 35 1.72 -18.66 -12.32
CA SER A 35 0.38 -19.09 -12.72
C SER A 35 -0.70 -18.49 -11.83
N HIS A 36 -0.40 -18.32 -10.53
CA HIS A 36 -1.36 -17.68 -9.65
C HIS A 36 -1.55 -16.21 -9.98
N PHE A 37 -0.46 -15.43 -9.96
CA PHE A 37 -0.62 -13.99 -10.04
C PHE A 37 -0.86 -13.49 -11.47
N GLU A 38 -0.70 -14.34 -12.47
CA GLU A 38 -1.07 -13.90 -13.81
C GLU A 38 -2.59 -13.73 -13.95
N GLN A 39 -3.37 -14.17 -12.96
CA GLN A 39 -4.82 -13.94 -13.02
C GLN A 39 -5.16 -12.46 -13.02
N TRP A 40 -4.27 -11.61 -12.49
CA TRP A 40 -4.60 -10.19 -12.32
C TRP A 40 -3.77 -9.27 -13.21
N GLY A 41 -2.95 -9.81 -14.09
CA GLY A 41 -2.22 -8.97 -15.02
C GLY A 41 -1.05 -9.70 -15.64
N THR A 42 -0.44 -9.02 -16.61
CA THR A 42 0.78 -9.50 -17.24
C THR A 42 1.95 -9.37 -16.28
N LEU A 43 2.72 -10.44 -16.12
CA LEU A 43 3.90 -10.44 -15.25
C LEU A 43 5.17 -10.40 -16.08
N THR A 44 5.98 -9.42 -15.86
CA THR A 44 7.28 -9.32 -16.51
C THR A 44 8.37 -9.99 -15.68
N ASP A 45 8.13 -10.26 -14.49
CA ASP A 45 9.10 -10.92 -13.64
C ASP A 45 8.36 -11.68 -12.56
N CYS A 46 8.98 -12.77 -12.09
CA CYS A 46 8.36 -13.57 -11.03
C CYS A 46 9.45 -14.45 -10.45
N VAL A 47 9.78 -14.25 -9.17
CA VAL A 47 10.94 -14.84 -8.52
C VAL A 47 10.53 -15.43 -7.18
N VAL A 48 10.93 -16.67 -6.92
CA VAL A 48 10.91 -17.22 -5.56
C VAL A 48 12.35 -17.25 -5.07
N MET A 49 12.60 -16.61 -3.92
CA MET A 49 13.93 -16.61 -3.33
C MET A 49 14.27 -17.97 -2.72
N ARG A 50 15.46 -18.45 -3.03
CA ARG A 50 15.92 -19.76 -2.57
C ARG A 50 17.31 -19.62 -1.99
N ASP A 51 17.66 -20.60 -1.14
CA ASP A 51 19.03 -20.68 -0.63
C ASP A 51 20.01 -20.97 -1.78
N PRO A 52 21.17 -20.31 -1.80
CA PRO A 52 22.11 -20.54 -2.92
C PRO A 52 22.75 -21.92 -2.91
N ASN A 53 22.81 -22.59 -1.77
CA ASN A 53 23.44 -23.90 -1.68
C ASN A 53 22.45 -25.07 -1.66
N THR A 54 21.38 -24.96 -0.88
CA THR A 54 20.42 -26.06 -0.75
C THR A 54 19.32 -26.02 -1.79
N LYS A 55 19.08 -24.86 -2.41
CA LYS A 55 17.93 -24.61 -3.27
C LYS A 55 16.60 -24.67 -2.52
N ARG A 56 16.63 -24.80 -1.20
CA ARG A 56 15.38 -24.76 -0.43
C ARG A 56 14.81 -23.35 -0.43
N SER A 57 13.48 -23.25 -0.59
CA SER A 57 12.81 -21.94 -0.56
C SER A 57 13.10 -21.18 0.72
N ARG A 58 13.26 -19.87 0.59
CA ARG A 58 13.28 -18.96 1.73
C ARG A 58 11.91 -18.42 2.07
N GLY A 59 10.84 -18.87 1.40
CA GLY A 59 9.50 -18.51 1.82
C GLY A 59 9.02 -17.13 1.41
N PHE A 60 9.73 -16.46 0.51
CA PHE A 60 9.26 -15.18 0.00
C PHE A 60 9.79 -14.97 -1.41
N GLY A 61 9.19 -14.02 -2.10
CA GLY A 61 9.55 -13.74 -3.48
C GLY A 61 8.93 -12.42 -3.91
N PHE A 62 8.88 -12.19 -5.22
CA PHE A 62 8.20 -11.01 -5.74
C PHE A 62 7.73 -11.26 -7.16
N VAL A 63 6.76 -10.46 -7.60
CA VAL A 63 6.29 -10.50 -8.97
C VAL A 63 6.30 -9.05 -9.46
N THR A 64 6.42 -8.90 -10.72
CA THR A 64 6.43 -7.56 -11.31
C THR A 64 5.35 -7.51 -12.38
N TYR A 65 4.36 -6.63 -12.26
CA TYR A 65 3.30 -6.44 -13.23
C TYR A 65 3.70 -5.42 -14.29
N ALA A 66 2.99 -5.45 -15.42
CA ALA A 66 3.25 -4.52 -16.50
C ALA A 66 2.76 -3.11 -16.17
N THR A 67 1.75 -2.98 -15.31
CA THR A 67 1.19 -1.67 -14.95
C THR A 67 0.80 -1.61 -13.48
N VAL A 68 0.72 -0.37 -12.98
CA VAL A 68 0.26 -0.15 -11.60
C VAL A 68 -1.18 -0.59 -11.42
N GLU A 69 -2.02 -0.40 -12.44
CA GLU A 69 -3.41 -0.85 -12.31
C GLU A 69 -3.47 -2.35 -12.07
N GLU A 70 -2.49 -3.09 -12.59
CA GLU A 70 -2.49 -4.54 -12.37
C GLU A 70 -2.08 -4.86 -10.93
N VAL A 71 -1.12 -4.11 -10.37
CA VAL A 71 -0.82 -4.24 -8.94
C VAL A 71 -2.09 -4.02 -8.13
N ASP A 72 -2.85 -2.96 -8.46
CA ASP A 72 -4.07 -2.65 -7.73
C ASP A 72 -5.03 -3.83 -7.79
N ALA A 73 -5.16 -4.43 -8.98
CA ALA A 73 -6.06 -5.56 -9.17
C ALA A 73 -5.65 -6.73 -8.29
N ALA A 74 -4.35 -7.04 -8.25
CA ALA A 74 -3.86 -8.11 -7.39
C ALA A 74 -4.12 -7.83 -5.91
N MET A 75 -3.79 -6.62 -5.42
CA MET A 75 -4.11 -6.28 -4.03
C MET A 75 -5.60 -6.29 -3.75
N ASN A 76 -6.43 -5.88 -4.70
CA ASN A 76 -7.87 -5.94 -4.45
C ASN A 76 -8.39 -7.37 -4.39
N ALA A 77 -7.62 -8.34 -4.86
CA ALA A 77 -8.01 -9.75 -4.83
C ALA A 77 -7.48 -10.51 -3.61
N ARG A 78 -6.81 -9.84 -2.67
CA ARG A 78 -6.49 -10.48 -1.41
C ARG A 78 -7.78 -10.91 -0.72
N PRO A 79 -7.72 -11.95 0.13
CA PRO A 79 -6.53 -12.76 0.46
C PRO A 79 -6.18 -13.70 -0.67
N HIS A 80 -4.88 -13.88 -0.89
CA HIS A 80 -4.35 -14.78 -1.91
C HIS A 80 -3.88 -16.06 -1.24
N LYS A 81 -4.46 -17.18 -1.65
CA LYS A 81 -4.03 -18.48 -1.16
C LYS A 81 -3.29 -19.14 -2.32
N VAL A 82 -1.99 -19.33 -2.15
CA VAL A 82 -1.08 -19.79 -3.19
C VAL A 82 -0.53 -21.14 -2.75
N ASP A 83 -0.79 -22.17 -3.55
CA ASP A 83 -0.32 -23.51 -3.20
C ASP A 83 -0.75 -23.89 -1.78
N GLY A 84 -1.99 -23.52 -1.42
CA GLY A 84 -2.60 -23.93 -0.17
C GLY A 84 -2.33 -23.04 1.03
N ARG A 85 -1.57 -21.96 0.87
CA ARG A 85 -1.19 -21.13 1.99
C ARG A 85 -1.53 -19.67 1.70
N VAL A 86 -2.12 -18.97 2.68
CA VAL A 86 -2.41 -17.54 2.49
C VAL A 86 -1.12 -16.76 2.61
N VAL A 87 -0.82 -15.97 1.58
CA VAL A 87 0.45 -15.27 1.48
C VAL A 87 0.23 -13.80 1.80
N GLU A 88 1.31 -13.04 1.87
CA GLU A 88 1.21 -11.61 2.24
C GLU A 88 1.89 -10.74 1.20
N PRO A 89 1.12 -10.15 0.26
CA PRO A 89 1.71 -9.26 -0.75
C PRO A 89 1.77 -7.84 -0.21
N LYS A 90 2.86 -7.14 -0.53
CA LYS A 90 3.03 -5.74 -0.14
C LYS A 90 3.72 -4.98 -1.26
N ARG A 91 3.30 -3.73 -1.47
CA ARG A 91 4.08 -2.82 -2.32
C ARG A 91 5.41 -2.44 -1.67
N ALA A 92 6.29 -1.88 -2.48
CA ALA A 92 7.62 -1.49 -2.02
C ALA A 92 7.55 -0.51 -0.83
N VAL A 93 8.33 -0.80 0.23
CA VAL A 93 8.47 0.13 1.34
C VAL A 93 9.68 1.01 1.12
N SER A 94 9.69 2.16 1.77
CA SER A 94 10.81 3.08 1.71
C SER A 94 11.86 2.69 2.76
N ARG A 95 13.06 3.23 2.59
CA ARG A 95 14.14 2.96 3.53
C ARG A 95 14.07 3.96 4.69
N GLU A 96 14.51 3.53 5.87
CA GLU A 96 14.70 4.46 6.99
C GLU A 96 15.40 3.78 8.18
N HIS A 104 10.76 2.42 6.42
CA HIS A 104 9.47 2.81 6.96
C HIS A 104 8.65 1.55 7.27
N LEU A 105 7.56 1.72 8.00
CA LEU A 105 6.79 0.59 8.51
C LEU A 105 5.49 0.45 7.74
N THR A 106 4.85 -0.70 7.94
CA THR A 106 3.56 -1.02 7.33
C THR A 106 2.46 -0.65 8.33
N VAL A 107 1.79 0.48 8.09
CA VAL A 107 0.82 1.01 9.02
C VAL A 107 -0.49 1.28 8.29
N LYS A 108 -1.52 1.60 9.07
CA LYS A 108 -2.84 1.88 8.54
C LYS A 108 -3.26 3.33 8.73
N LYS A 109 -2.38 4.19 9.20
CA LYS A 109 -2.75 5.57 9.56
C LYS A 109 -1.84 6.55 8.85
N ILE A 110 -2.41 7.68 8.40
CA ILE A 110 -1.62 8.73 7.77
C ILE A 110 -1.81 10.04 8.53
N PHE A 111 -0.77 10.84 8.50
CA PHE A 111 -0.80 12.26 8.82
C PHE A 111 -1.10 13.04 7.53
N VAL A 112 -2.02 14.00 7.63
CA VAL A 112 -2.38 14.90 6.53
C VAL A 112 -2.15 16.33 7.00
N GLY A 113 -1.20 17.02 6.40
CA GLY A 113 -0.87 18.36 6.82
C GLY A 113 -1.15 19.42 5.78
N GLY A 114 -1.24 20.68 6.21
CA GLY A 114 -1.52 21.78 5.29
C GLY A 114 -2.97 21.93 4.90
N ILE A 115 -3.91 21.44 5.71
CA ILE A 115 -5.31 21.52 5.36
C ILE A 115 -5.92 22.82 5.85
N LYS A 116 -5.22 23.54 6.73
CA LYS A 116 -5.63 24.85 7.21
C LYS A 116 -6.89 24.74 8.05
N GLU A 117 -7.58 25.87 8.28
CA GLU A 117 -8.68 25.91 9.21
C GLU A 117 -10.04 25.70 8.55
N ASP A 118 -10.10 25.52 7.23
CA ASP A 118 -11.36 25.45 6.51
C ASP A 118 -11.69 24.06 5.94
N THR A 119 -10.80 23.08 6.10
CA THR A 119 -11.07 21.75 5.56
C THR A 119 -11.84 20.93 6.58
N GLU A 120 -12.92 20.28 6.12
CA GLU A 120 -13.82 19.51 6.98
C GLU A 120 -13.64 18.01 6.77
N GLU A 121 -14.28 17.26 7.67
CA GLU A 121 -14.22 15.80 7.60
C GLU A 121 -14.66 15.29 6.24
N HIS A 122 -15.74 15.85 5.68
CA HIS A 122 -16.27 15.32 4.42
C HIS A 122 -15.30 15.53 3.27
N HIS A 123 -14.51 16.61 3.29
CA HIS A 123 -13.49 16.80 2.27
C HIS A 123 -12.45 15.67 2.32
N LEU A 124 -11.96 15.39 3.53
CA LEU A 124 -10.99 14.32 3.71
C LEU A 124 -11.60 12.98 3.36
N ARG A 125 -12.85 12.74 3.76
CA ARG A 125 -13.44 11.43 3.50
C ARG A 125 -13.69 11.22 2.02
N ASP A 126 -14.24 12.21 1.32
CA ASP A 126 -14.58 12.03 -0.09
C ASP A 126 -13.34 11.74 -0.93
N TYR A 127 -12.20 12.33 -0.56
CA TYR A 127 -10.95 12.06 -1.24
C TYR A 127 -10.35 10.72 -0.81
N PHE A 128 -10.10 10.53 0.50
CA PHE A 128 -9.33 9.36 0.91
C PHE A 128 -10.14 8.06 0.84
N GLU A 129 -11.46 8.11 0.79
CA GLU A 129 -12.21 6.85 0.71
C GLU A 129 -11.96 6.14 -0.62
N GLN A 130 -11.44 6.86 -1.61
CA GLN A 130 -11.12 6.24 -2.89
C GLN A 130 -9.77 5.52 -2.87
N TYR A 131 -9.04 5.61 -1.76
CA TYR A 131 -7.84 4.82 -1.54
C TYR A 131 -8.12 3.58 -0.72
N GLY A 132 -9.17 3.59 0.10
CA GLY A 132 -9.45 2.44 0.93
C GLY A 132 -10.55 2.77 1.91
N LYS A 133 -10.94 1.76 2.68
CA LYS A 133 -12.02 1.89 3.65
C LYS A 133 -11.52 2.65 4.87
N ILE A 134 -12.14 3.79 5.14
CA ILE A 134 -11.76 4.61 6.29
C ILE A 134 -12.44 4.12 7.56
N GLU A 135 -11.70 4.09 8.66
CA GLU A 135 -12.23 3.76 9.97
C GLU A 135 -12.29 4.95 10.92
N VAL A 136 -11.30 5.84 10.88
CA VAL A 136 -11.25 7.00 11.76
C VAL A 136 -10.74 8.20 10.98
N ILE A 137 -11.37 9.36 11.15
CA ILE A 137 -10.81 10.63 10.69
C ILE A 137 -10.71 11.54 11.90
N GLU A 138 -9.52 12.08 12.15
CA GLU A 138 -9.30 12.93 13.33
C GLU A 138 -8.72 14.26 12.88
N ILE A 139 -9.54 15.30 12.93
CA ILE A 139 -9.09 16.66 12.62
C ILE A 139 -8.59 17.30 13.91
N MET A 140 -7.32 17.68 13.93
CA MET A 140 -6.64 18.08 15.15
C MET A 140 -6.99 19.52 15.55
N THR A 141 -7.17 19.73 16.85
CA THR A 141 -7.51 21.05 17.37
C THR A 141 -6.59 21.39 18.53
N ASP A 142 -6.49 22.68 18.80
CA ASP A 142 -5.61 23.17 19.85
C ASP A 142 -6.17 22.80 21.22
N ARG A 143 -5.29 22.26 22.08
CA ARG A 143 -5.70 21.79 23.40
C ARG A 143 -6.26 22.92 24.25
N GLY A 144 -5.79 24.14 24.03
CA GLY A 144 -6.20 25.27 24.85
C GLY A 144 -7.36 26.07 24.30
N SER A 145 -7.34 26.37 22.99
CA SER A 145 -8.32 27.26 22.36
C SER A 145 -9.39 26.53 21.58
N GLY A 146 -9.14 25.27 21.21
CA GLY A 146 -10.07 24.54 20.38
C GLY A 146 -9.98 24.85 18.90
N LYS A 147 -9.12 25.77 18.49
CA LYS A 147 -9.04 26.09 17.07
C LYS A 147 -8.39 24.94 16.31
N LYS A 148 -8.75 24.82 15.03
CA LYS A 148 -8.13 23.81 14.19
C LYS A 148 -6.66 24.12 13.98
N ARG A 149 -5.82 23.09 14.00
CA ARG A 149 -4.38 23.27 13.87
C ARG A 149 -3.87 23.10 12.45
N GLY A 150 -4.72 22.63 11.52
CA GLY A 150 -4.31 22.51 10.14
C GLY A 150 -3.76 21.17 9.75
N PHE A 151 -3.98 20.13 10.56
CA PHE A 151 -3.60 18.78 10.15
C PHE A 151 -4.59 17.78 10.73
N ALA A 152 -4.51 16.55 10.22
CA ALA A 152 -5.48 15.52 10.54
C ALA A 152 -4.81 14.16 10.42
N PHE A 153 -5.46 13.16 11.00
CA PHE A 153 -5.06 11.76 10.81
C PHE A 153 -6.22 10.96 10.24
N VAL A 154 -5.91 10.05 9.31
CA VAL A 154 -6.90 9.16 8.74
C VAL A 154 -6.41 7.74 8.96
N THR A 155 -7.26 6.90 9.55
CA THR A 155 -6.98 5.48 9.75
C THR A 155 -7.84 4.64 8.82
N PHE A 156 -7.20 3.69 8.13
CA PHE A 156 -7.88 2.79 7.20
C PHE A 156 -7.94 1.40 7.79
N ASP A 157 -8.75 0.55 7.16
CA ASP A 157 -8.84 -0.83 7.63
C ASP A 157 -7.72 -1.73 7.13
N ASP A 158 -6.80 -1.21 6.30
CA ASP A 158 -5.78 -2.05 5.68
C ASP A 158 -4.63 -1.19 5.19
N HIS A 159 -3.43 -1.78 5.19
CA HIS A 159 -2.22 -1.00 4.92
C HIS A 159 -2.07 -0.60 3.45
N ASP A 160 -2.73 -1.28 2.50
CA ASP A 160 -2.43 -0.98 1.10
C ASP A 160 -2.91 0.42 0.72
N SER A 161 -4.01 0.87 1.34
N SER A 161 -4.00 0.88 1.35
CA SER A 161 -4.45 2.26 1.14
CA SER A 161 -4.46 2.25 1.14
C SER A 161 -3.31 3.23 1.42
C SER A 161 -3.34 3.24 1.43
N VAL A 162 -2.73 3.13 2.61
CA VAL A 162 -1.62 3.99 2.99
C VAL A 162 -0.46 3.85 2.01
N ASP A 163 -0.12 2.62 1.63
CA ASP A 163 0.98 2.42 0.69
C ASP A 163 0.73 3.10 -0.65
N LYS A 164 -0.50 3.06 -1.14
CA LYS A 164 -0.82 3.79 -2.37
C LYS A 164 -0.70 5.29 -2.15
N ILE A 165 -1.15 5.77 -0.99
CA ILE A 165 -1.21 7.21 -0.75
C ILE A 165 0.19 7.81 -0.71
N VAL A 166 1.11 7.20 0.05
CA VAL A 166 2.35 7.92 0.32
C VAL A 166 3.31 7.93 -0.86
N ILE A 167 3.07 7.14 -1.89
CA ILE A 167 3.95 7.19 -3.06
C ILE A 167 3.50 8.21 -4.10
N GLN A 168 2.32 8.80 -3.95
CA GLN A 168 1.92 9.90 -4.82
C GLN A 168 2.80 11.13 -4.58
N LYS A 169 3.15 11.82 -5.66
CA LYS A 169 3.94 13.05 -5.54
C LYS A 169 3.12 14.20 -4.96
N TYR A 170 1.81 14.22 -5.21
CA TYR A 170 0.95 15.34 -4.87
C TYR A 170 -0.35 14.84 -4.26
N HIS A 171 -0.89 15.60 -3.32
CA HIS A 171 -2.24 15.39 -2.81
C HIS A 171 -2.94 16.74 -2.72
N THR A 172 -4.12 16.83 -3.36
CA THR A 172 -4.90 18.06 -3.41
C THR A 172 -6.25 17.76 -2.77
N VAL A 173 -6.54 18.44 -1.67
CA VAL A 173 -7.80 18.25 -0.96
C VAL A 173 -8.39 19.61 -0.66
N ASN A 174 -9.63 19.83 -1.08
CA ASN A 174 -10.30 21.10 -0.82
C ASN A 174 -9.48 22.26 -1.38
N GLY A 175 -8.89 22.06 -2.55
CA GLY A 175 -8.03 23.06 -3.16
C GLY A 175 -6.62 23.15 -2.59
N HIS A 176 -6.40 22.63 -1.38
CA HIS A 176 -5.09 22.71 -0.74
C HIS A 176 -4.18 21.60 -1.26
N ASN A 177 -2.91 21.93 -1.49
CA ASN A 177 -1.86 20.93 -1.68
C ASN A 177 -1.38 20.46 -0.31
N CYS A 178 -1.57 19.18 -0.01
CA CYS A 178 -1.32 18.64 1.32
C CYS A 178 -0.05 17.80 1.37
N GLU A 179 0.57 17.78 2.55
CA GLU A 179 1.68 16.89 2.86
C GLU A 179 1.12 15.65 3.55
N VAL A 180 1.44 14.46 3.02
CA VAL A 180 0.88 13.24 3.58
C VAL A 180 2.01 12.26 3.89
N ARG A 181 1.96 11.69 5.09
CA ARG A 181 3.00 10.82 5.61
C ARG A 181 2.36 9.66 6.37
N LYS A 182 3.08 8.54 6.42
CA LYS A 182 2.70 7.47 7.34
C LYS A 182 2.75 7.99 8.77
N ALA A 183 1.76 7.62 9.57
CA ALA A 183 1.69 7.99 10.98
C ALA A 183 1.83 6.74 11.84
N LEU A 184 2.77 6.77 12.78
CA LEU A 184 3.02 5.63 13.67
C LEU A 184 2.24 5.79 14.97
N SER A 185 1.73 4.67 15.48
CA SER A 185 0.98 4.65 16.73
C SER A 185 1.65 3.73 17.75
N1 A1H9R B . 9.65 -3.45 0.00
N3 A1H9R B . 12.63 -6.79 -1.17
C4 A1H9R B . 10.24 -5.62 0.03
C5 A1H9R B . 11.23 -4.93 -0.65
C6 A1H9R B . 12.45 -5.47 -1.25
C7 A1H9R B . 13.91 -7.41 -1.50
C8 A1H9R B . 13.81 -8.33 -2.71
C10 A1H9R B . 13.87 -10.25 -3.59
C1 A1H9R B . 11.47 -2.38 -1.21
C11 A1H9R B . 12.80 -9.49 -2.80
C2 A1H9R B . 10.81 -3.58 -0.63
C3 A1H9R B . 8.06 -4.93 1.14
C9 A1H9R B . 14.93 -9.37 -2.91
N2 A1H9R B . 9.31 -4.72 0.39
O1 A1H9R B . 13.26 -4.72 -1.81
#